data_4XAA
#
_entry.id   4XAA
#
_cell.length_a   72.119
_cell.length_b   115.144
_cell.length_c   33.864
_cell.angle_alpha   90.000
_cell.angle_beta   90.000
_cell.angle_gamma   90.000
#
_symmetry.space_group_name_H-M   'P 21 21 2'
#
loop_
_entity.id
_entity.type
_entity.pdbx_description
1 polymer 'Putative oxygenase'
2 non-polymer 'NICKEL (II) ION'
3 water water
#
_entity_poly.entity_id   1
_entity_poly.type   'polypeptide(L)'
_entity_poly.pdbx_seq_one_letter_code
;MTTATLDRAAAIERFRRDGFANAGPVLAPDAIARLKAGAERLITRFTDEGLRSDDYWNFPVEGDERPVLYRVHNLEKQDW
APERDLLHREELAQLAAAFVDGPVVPTAYALVLKEPYRAAEVPWHRDRVNVGPRTVCNLSICLDDAGPHNGCLEAVPGSH
LLPDDAEVAKVRATGPVVPVPVSQGDVVVHDVRLVHGSGPNANGSWRRTIVIEYADPAAPPAP
;
_entity_poly.pdbx_strand_id   A
#
# COMPACT_ATOMS: atom_id res chain seq x y z
N THR A 3 13.02 12.89 18.75
CA THR A 3 11.90 12.34 19.52
C THR A 3 11.41 11.01 18.95
N ALA A 4 11.90 10.66 17.75
CA ALA A 4 11.48 9.45 17.06
C ALA A 4 11.69 8.19 17.89
N THR A 5 10.84 7.17 17.68
CA THR A 5 11.01 5.90 18.37
C THR A 5 10.70 4.72 17.48
N LEU A 6 11.09 3.55 17.97
CA LEU A 6 10.78 2.25 17.40
C LEU A 6 10.11 1.43 18.50
N ASP A 7 8.85 1.07 18.27
CA ASP A 7 8.03 0.48 19.31
C ASP A 7 7.02 -0.46 18.67
N ARG A 8 7.47 -1.64 18.29
CA ARG A 8 6.65 -2.65 17.64
C ARG A 8 5.35 -2.91 18.39
N ALA A 9 5.43 -3.09 19.70
CA ALA A 9 4.24 -3.42 20.47
C ALA A 9 3.19 -2.30 20.38
N ALA A 10 3.61 -1.05 20.57
CA ALA A 10 2.72 0.10 20.42
C ALA A 10 2.18 0.23 19.00
N ALA A 11 2.99 -0.17 18.02
CA ALA A 11 2.58 -0.12 16.63
C ALA A 11 1.48 -1.15 16.37
N ILE A 12 1.61 -2.34 16.98
CA ILE A 12 0.58 -3.36 16.85
C ILE A 12 -0.68 -2.88 17.56
N GLU A 13 -0.50 -2.20 18.68
CA GLU A 13 -1.64 -1.67 19.42
C GLU A 13 -2.35 -0.60 18.60
N ARG A 14 -1.60 0.24 17.90
CA ARG A 14 -2.21 1.26 17.06
C ARG A 14 -2.91 0.64 15.86
N PHE A 15 -2.35 -0.46 15.34
CA PHE A 15 -3.00 -1.19 14.26
C PHE A 15 -4.35 -1.68 14.74
N ARG A 16 -4.37 -2.24 15.94
CA ARG A 16 -5.57 -2.84 16.47
C ARG A 16 -6.63 -1.78 16.75
N ARG A 17 -6.17 -0.61 17.17
CA ARG A 17 -7.07 0.46 17.61
C ARG A 17 -7.49 1.38 16.47
N ASP A 18 -6.52 1.91 15.73
CA ASP A 18 -6.82 2.85 14.65
C ASP A 18 -6.98 2.20 13.28
N GLY A 19 -6.53 0.95 13.13
CA GLY A 19 -6.65 0.25 11.86
C GLY A 19 -5.46 0.35 10.92
N PHE A 20 -4.44 1.08 11.33
CA PHE A 20 -3.24 1.25 10.52
C PHE A 20 -2.03 1.56 11.40
N ALA A 21 -0.82 1.20 10.98
CA ALA A 21 0.38 1.66 11.69
C ALA A 21 1.64 1.59 10.84
N ASN A 22 2.53 2.57 11.01
CA ASN A 22 3.86 2.47 10.45
C ASN A 22 4.73 1.65 11.37
N ALA A 23 5.19 0.50 10.89
CA ALA A 23 5.98 -0.43 11.70
C ALA A 23 7.48 -0.19 11.55
N GLY A 24 7.86 0.76 10.72
CA GLY A 24 9.26 1.01 10.46
C GLY A 24 9.86 -0.07 9.59
N PRO A 25 11.19 -0.08 9.48
CA PRO A 25 11.94 -1.02 8.64
C PRO A 25 11.74 -2.47 9.05
N VAL A 26 11.77 -3.33 8.04
CA VAL A 26 11.51 -4.75 8.22
C VAL A 26 12.58 -5.52 7.48
N LEU A 27 12.84 -5.09 6.25
CA LEU A 27 13.92 -5.67 5.46
C LEU A 27 15.16 -4.81 5.53
N ALA A 28 16.32 -5.45 5.41
CA ALA A 28 17.58 -4.75 5.29
C ALA A 28 17.52 -3.77 4.14
N PRO A 29 18.05 -2.56 4.36
CA PRO A 29 18.09 -1.44 3.40
C PRO A 29 18.50 -1.85 2.00
N ASP A 30 19.45 -2.79 1.91
CA ASP A 30 19.92 -3.29 0.63
C ASP A 30 18.81 -4.03 -0.11
N ALA A 31 17.96 -4.72 0.63
CA ALA A 31 16.84 -5.45 0.04
C ALA A 31 15.80 -4.47 -0.50
N ILE A 32 15.56 -3.39 0.26
CA ILE A 32 14.66 -2.35 -0.15
C ILE A 32 15.18 -1.71 -1.43
N ALA A 33 16.50 -1.61 -1.53
CA ALA A 33 17.14 -0.94 -2.65
C ALA A 33 16.95 -1.76 -3.92
N ARG A 34 17.04 -3.07 -3.79
CA ARG A 34 16.84 -3.95 -4.93
C ARG A 34 15.37 -3.98 -5.35
N LEU A 35 14.46 -4.00 -4.38
CA LEU A 35 13.04 -3.90 -4.68
C LEU A 35 12.75 -2.63 -5.49
N LYS A 36 13.33 -1.51 -5.05
CA LYS A 36 13.14 -0.22 -5.71
C LYS A 36 13.60 -0.31 -7.15
N ALA A 37 14.78 -0.90 -7.34
CA ALA A 37 15.36 -1.08 -8.67
C ALA A 37 14.48 -1.96 -9.56
N GLY A 38 13.98 -3.04 -8.99
CA GLY A 38 13.07 -3.92 -9.71
C GLY A 38 11.82 -3.16 -10.08
N ALA A 39 11.28 -2.40 -9.13
CA ALA A 39 10.08 -1.61 -9.39
C ALA A 39 10.28 -0.66 -10.55
N GLU A 40 11.37 0.09 -10.51
CA GLU A 40 11.65 1.06 -11.55
C GLU A 40 11.76 0.37 -12.90
N ARG A 41 12.43 -0.76 -12.94
CA ARG A 41 12.53 -1.50 -14.20
C ARG A 41 11.15 -1.87 -14.74
N LEU A 42 10.20 -2.13 -13.85
CA LEU A 42 8.86 -2.42 -14.27
C LEU A 42 8.22 -1.17 -14.84
N ILE A 43 8.49 -0.04 -14.19
CA ILE A 43 7.83 1.20 -14.52
C ILE A 43 8.36 1.76 -15.83
N THR A 44 9.67 1.72 -16.02
CA THR A 44 10.25 2.29 -17.22
C THR A 44 9.80 1.59 -18.50
N ARG A 45 9.33 0.35 -18.40
CA ARG A 45 8.83 -0.35 -19.58
C ARG A 45 7.56 0.31 -20.08
N PHE A 46 6.73 0.71 -19.13
CA PHE A 46 5.53 1.43 -19.47
C PHE A 46 5.88 2.83 -19.97
N THR A 47 6.62 3.55 -19.14
CA THR A 47 6.84 4.97 -19.34
C THR A 47 7.75 5.27 -20.51
N ASP A 48 8.82 4.49 -20.65
CA ASP A 48 9.87 4.86 -21.58
C ASP A 48 9.82 4.01 -22.84
N GLU A 49 9.45 2.75 -22.68
CA GLU A 49 9.54 1.77 -23.76
C GLU A 49 8.16 1.43 -24.34
N GLY A 50 7.11 1.96 -23.72
CA GLY A 50 5.78 1.90 -24.28
C GLY A 50 4.97 0.62 -24.10
N LEU A 51 5.25 -0.15 -23.05
CA LEU A 51 4.47 -1.36 -22.79
C LEU A 51 3.08 -1.02 -22.28
N ARG A 52 2.09 -1.69 -22.85
CA ARG A 52 0.71 -1.57 -22.42
C ARG A 52 0.15 -2.96 -22.20
N SER A 53 -0.18 -3.29 -20.97
CA SER A 53 -0.77 -4.58 -20.67
C SER A 53 -1.86 -4.43 -19.63
N ASP A 54 -2.60 -5.51 -19.42
CA ASP A 54 -3.75 -5.47 -18.55
C ASP A 54 -3.37 -5.13 -17.11
N ASP A 55 -2.26 -5.69 -16.65
CA ASP A 55 -1.77 -5.43 -15.29
C ASP A 55 -1.21 -4.02 -15.07
N TYR A 56 -0.91 -3.30 -16.15
CA TYR A 56 -0.47 -1.91 -16.00
C TYR A 56 -1.66 -0.93 -16.02
N TRP A 57 -2.18 -0.60 -14.85
CA TRP A 57 -3.35 0.29 -14.76
C TRP A 57 -2.95 1.73 -14.90
N ASN A 58 -3.61 2.43 -15.83
CA ASN A 58 -3.27 3.80 -16.16
C ASN A 58 -4.50 4.63 -16.54
N PHE A 59 -4.44 5.95 -16.36
CA PHE A 59 -5.47 6.80 -16.92
C PHE A 59 -4.88 7.75 -17.96
N PRO A 60 -5.70 8.12 -18.95
CA PRO A 60 -5.23 9.02 -20.01
C PRO A 60 -5.38 10.49 -19.63
N VAL A 61 -4.47 11.30 -20.15
CA VAL A 61 -4.48 12.74 -19.92
C VAL A 61 -4.76 13.45 -21.25
N GLU A 62 -5.39 14.61 -21.18
CA GLU A 62 -5.69 15.35 -22.41
C GLU A 62 -4.43 15.77 -23.16
N GLY A 63 -4.39 15.45 -24.44
CA GLY A 63 -3.38 16.00 -25.34
C GLY A 63 -2.09 15.24 -25.49
N ASP A 64 -0.99 15.99 -25.46
CA ASP A 64 0.34 15.43 -25.69
C ASP A 64 0.64 14.25 -24.79
N GLU A 65 0.36 14.41 -23.50
CA GLU A 65 0.82 13.49 -22.45
C GLU A 65 0.59 12.00 -22.72
N ARG A 66 1.63 11.21 -22.44
CA ARG A 66 1.51 9.75 -22.25
C ARG A 66 0.59 9.48 -21.05
N PRO A 67 -0.14 8.34 -21.04
CA PRO A 67 -1.03 8.06 -19.90
C PRO A 67 -0.28 7.97 -18.56
N VAL A 68 -1.01 8.12 -17.46
CA VAL A 68 -0.40 8.05 -16.14
C VAL A 68 -0.54 6.66 -15.57
N LEU A 69 0.58 5.99 -15.38
CA LEU A 69 0.63 4.69 -14.72
C LEU A 69 0.40 4.89 -13.23
N TYR A 70 -0.50 4.12 -12.62
CA TYR A 70 -0.70 4.22 -11.18
C TYR A 70 -0.72 2.85 -10.49
N ARG A 71 -0.72 1.77 -11.26
CA ARG A 71 -0.63 0.46 -10.65
C ARG A 71 -0.06 -0.61 -11.58
N VAL A 72 0.74 -1.49 -10.99
CA VAL A 72 1.07 -2.74 -11.62
C VAL A 72 0.42 -3.85 -10.80
N HIS A 73 -0.57 -4.50 -11.40
CA HIS A 73 -1.40 -5.49 -10.73
C HIS A 73 -0.72 -6.83 -10.87
N ASN A 74 -1.12 -7.79 -10.05
CA ASN A 74 -0.51 -9.10 -10.08
C ASN A 74 1.01 -9.00 -10.07
N LEU A 75 1.55 -8.25 -9.12
CA LEU A 75 2.97 -7.94 -9.13
C LEU A 75 3.85 -9.20 -9.08
N GLU A 76 3.38 -10.23 -8.37
CA GLU A 76 4.18 -11.45 -8.19
C GLU A 76 4.26 -12.29 -9.46
N LYS A 77 3.47 -11.92 -10.47
CA LYS A 77 3.44 -12.63 -11.74
C LYS A 77 4.29 -11.94 -12.78
N GLN A 78 4.80 -10.75 -12.45
CA GLN A 78 5.41 -9.92 -13.47
C GLN A 78 6.84 -10.38 -13.70
N ASP A 79 7.39 -10.00 -14.83
CA ASP A 79 8.74 -10.41 -15.15
C ASP A 79 9.74 -9.44 -14.54
N TRP A 80 10.18 -9.72 -13.31
CA TRP A 80 11.23 -8.93 -12.71
C TRP A 80 12.04 -9.71 -11.70
N ALA A 81 12.22 -10.99 -11.99
CA ALA A 81 13.19 -11.81 -11.28
C ALA A 81 14.58 -11.29 -11.62
N PRO A 82 15.52 -11.38 -10.68
CA PRO A 82 15.41 -12.02 -9.36
C PRO A 82 14.91 -11.12 -8.22
N GLU A 83 14.77 -9.82 -8.44
CA GLU A 83 14.30 -8.91 -7.40
C GLU A 83 12.92 -9.29 -6.87
N ARG A 84 12.06 -9.79 -7.77
CA ARG A 84 10.72 -10.23 -7.42
C ARG A 84 10.71 -11.22 -6.25
N ASP A 85 11.75 -12.04 -6.17
CA ASP A 85 11.85 -13.03 -5.09
C ASP A 85 11.79 -12.38 -3.73
N LEU A 86 12.21 -11.12 -3.65
CA LEU A 86 12.21 -10.40 -2.38
C LEU A 86 10.80 -10.18 -1.84
N LEU A 87 9.80 -10.25 -2.73
CA LEU A 87 8.40 -10.19 -2.29
C LEU A 87 8.09 -11.25 -1.24
N HIS A 88 8.90 -12.30 -1.24
CA HIS A 88 8.58 -13.51 -0.48
C HIS A 88 9.53 -13.73 0.67
N ARG A 89 10.27 -12.71 1.05
CA ARG A 89 11.05 -12.74 2.27
C ARG A 89 10.11 -13.09 3.40
N GLU A 90 10.59 -13.92 4.31
CA GLU A 90 9.78 -14.43 5.39
C GLU A 90 9.41 -13.38 6.43
N GLU A 91 10.22 -12.33 6.55
CA GLU A 91 9.96 -11.30 7.54
C GLU A 91 8.61 -10.60 7.27
N LEU A 92 8.20 -10.56 6.02
CA LEU A 92 7.00 -9.83 5.65
C LEU A 92 5.76 -10.50 6.20
N ALA A 93 5.62 -11.81 5.94
CA ALA A 93 4.45 -12.52 6.41
C ALA A 93 4.48 -12.65 7.92
N GLN A 94 5.68 -12.76 8.48
CA GLN A 94 5.84 -12.78 9.94
C GLN A 94 5.43 -11.44 10.58
N LEU A 95 5.78 -10.33 9.95
CA LEU A 95 5.26 -9.04 10.42
C LEU A 95 3.74 -9.01 10.40
N ALA A 96 3.14 -9.45 9.29
CA ALA A 96 1.70 -9.42 9.14
C ALA A 96 1.03 -10.35 10.13
N ALA A 97 1.56 -11.55 10.29
CA ALA A 97 1.05 -12.48 11.30
C ALA A 97 1.10 -11.89 12.72
N ALA A 98 2.21 -11.24 13.07
CA ALA A 98 2.30 -10.57 14.36
C ALA A 98 1.20 -9.50 14.52
N PHE A 99 1.10 -8.59 13.57
CA PHE A 99 0.13 -7.51 13.66
C PHE A 99 -1.29 -8.03 13.77
N VAL A 100 -1.59 -9.05 13.00
CA VAL A 100 -2.94 -9.58 12.93
C VAL A 100 -3.13 -10.71 13.97
N ASP A 101 -2.04 -11.06 14.64
CA ASP A 101 -2.02 -12.06 15.72
C ASP A 101 -2.48 -13.48 15.34
N GLY A 102 -2.02 -13.98 14.20
CA GLY A 102 -2.29 -15.37 13.84
C GLY A 102 -1.63 -15.65 12.51
N PRO A 103 -1.73 -16.88 12.01
CA PRO A 103 -1.09 -17.21 10.73
C PRO A 103 -1.78 -16.52 9.55
N VAL A 104 -0.98 -16.16 8.55
CA VAL A 104 -1.48 -15.48 7.37
C VAL A 104 -0.86 -16.05 6.10
N VAL A 105 -1.55 -15.86 4.99
CA VAL A 105 -1.04 -16.22 3.69
C VAL A 105 -1.23 -15.01 2.76
N PRO A 106 -0.23 -14.71 1.92
CA PRO A 106 -0.38 -13.59 0.98
C PRO A 106 -1.50 -13.86 -0.04
N THR A 107 -2.29 -12.84 -0.37
CA THR A 107 -3.41 -13.07 -1.26
C THR A 107 -3.37 -12.18 -2.50
N ALA A 108 -2.45 -11.23 -2.53
CA ALA A 108 -2.38 -10.26 -3.61
C ALA A 108 -1.13 -9.39 -3.48
N TYR A 109 -0.55 -9.07 -4.61
CA TYR A 109 0.67 -8.29 -4.68
C TYR A 109 0.47 -7.19 -5.69
N ALA A 110 0.79 -5.96 -5.31
CA ALA A 110 0.66 -4.88 -6.26
C ALA A 110 1.73 -3.83 -6.07
N LEU A 111 2.10 -3.20 -7.18
CA LEU A 111 2.88 -1.98 -7.11
C LEU A 111 1.95 -0.80 -7.39
N VAL A 112 1.77 0.05 -6.39
CA VAL A 112 1.04 1.30 -6.59
C VAL A 112 2.04 2.46 -6.65
N LEU A 113 1.65 3.49 -7.40
CA LEU A 113 2.57 4.49 -7.91
C LEU A 113 1.97 5.85 -7.97
N LYS A 114 2.77 6.83 -7.56
CA LYS A 114 2.49 8.23 -7.85
C LYS A 114 3.58 8.76 -8.78
N GLU A 115 3.25 8.93 -10.06
CA GLU A 115 4.15 9.61 -11.02
C GLU A 115 4.40 11.03 -10.50
N PRO A 116 5.54 11.62 -10.86
CA PRO A 116 5.76 13.01 -10.50
C PRO A 116 4.75 13.90 -11.18
N TYR A 117 4.28 14.94 -10.48
CA TYR A 117 3.43 15.99 -11.07
C TYR A 117 2.01 15.58 -11.45
N ARG A 118 1.85 14.38 -12.00
CA ARG A 118 0.61 14.03 -12.68
C ARG A 118 -0.27 13.03 -11.94
N ALA A 119 0.12 12.63 -10.73
CA ALA A 119 -0.59 11.55 -10.07
C ALA A 119 -1.95 12.01 -9.58
N ALA A 120 -2.95 11.18 -9.81
CA ALA A 120 -4.29 11.44 -9.32
C ALA A 120 -4.43 10.99 -7.89
N GLU A 121 -5.50 11.39 -7.24
CA GLU A 121 -5.79 10.83 -5.94
C GLU A 121 -6.29 9.40 -6.11
N VAL A 122 -6.23 8.63 -5.04
CA VAL A 122 -6.98 7.40 -4.95
C VAL A 122 -8.19 7.66 -4.07
N PRO A 123 -9.41 7.61 -4.66
CA PRO A 123 -10.66 7.87 -3.92
C PRO A 123 -10.74 7.07 -2.62
N TRP A 124 -11.39 7.65 -1.61
CA TRP A 124 -11.58 6.94 -0.35
C TRP A 124 -12.31 5.64 -0.58
N HIS A 125 -11.95 4.62 0.19
CA HIS A 125 -12.56 3.30 0.06
C HIS A 125 -12.18 2.42 1.23
N ARG A 126 -12.84 1.27 1.31
CA ARG A 126 -12.46 0.19 2.19
C ARG A 126 -12.01 -0.89 1.25
N ASP A 127 -10.89 -1.54 1.54
CA ASP A 127 -10.38 -2.60 0.70
C ASP A 127 -11.33 -3.81 0.67
N ARG A 128 -11.72 -4.30 1.85
CA ARG A 128 -12.69 -5.41 1.97
C ARG A 128 -13.56 -5.21 3.21
N VAL A 129 -14.82 -5.64 3.13
CA VAL A 129 -15.65 -5.71 4.34
C VAL A 129 -16.31 -7.06 4.53
N ASN A 130 -15.89 -8.08 3.77
CA ASN A 130 -16.44 -9.42 3.96
C ASN A 130 -15.61 -10.23 4.97
N VAL A 131 -14.73 -9.55 5.68
CA VAL A 131 -13.98 -10.18 6.76
C VAL A 131 -14.05 -9.31 8.00
N GLY A 132 -13.94 -9.95 9.16
CA GLY A 132 -13.92 -9.22 10.42
C GLY A 132 -12.70 -8.35 10.54
N PRO A 133 -12.70 -7.45 11.52
CA PRO A 133 -11.52 -6.60 11.75
C PRO A 133 -10.35 -7.46 12.18
N ARG A 134 -9.14 -6.97 11.93
CA ARG A 134 -7.92 -7.66 12.32
C ARG A 134 -7.86 -9.09 11.80
N THR A 135 -8.25 -9.26 10.54
CA THR A 135 -8.32 -10.57 9.92
C THR A 135 -7.49 -10.61 8.63
N VAL A 136 -7.51 -9.50 7.89
CA VAL A 136 -6.76 -9.38 6.65
C VAL A 136 -6.10 -8.01 6.64
N CYS A 137 -4.79 -7.96 6.39
CA CYS A 137 -4.12 -6.66 6.33
C CYS A 137 -3.33 -6.48 5.05
N ASN A 138 -3.00 -5.22 4.76
CA ASN A 138 -2.11 -4.87 3.68
C ASN A 138 -0.78 -4.40 4.24
N LEU A 139 0.31 -4.94 3.72
CA LEU A 139 1.62 -4.41 4.06
C LEU A 139 2.05 -3.52 2.92
N SER A 140 2.30 -2.26 3.25
CA SER A 140 2.77 -1.31 2.26
C SER A 140 4.24 -1.08 2.49
N ILE A 141 5.05 -1.64 1.60
CA ILE A 141 6.49 -1.45 1.65
C ILE A 141 6.83 -0.21 0.84
N CYS A 142 7.21 0.84 1.56
CA CYS A 142 7.51 2.13 0.97
C CYS A 142 8.91 2.19 0.37
N LEU A 143 8.99 2.46 -0.92
CA LEU A 143 10.28 2.47 -1.59
C LEU A 143 10.68 3.93 -1.74
N ASP A 144 9.82 4.82 -1.26
CA ASP A 144 10.13 6.24 -1.23
C ASP A 144 9.72 6.91 0.10
N ASP A 145 10.37 8.03 0.39
CA ASP A 145 9.88 9.02 1.35
C ASP A 145 8.53 9.53 0.86
N ALA A 146 7.52 9.51 1.73
CA ALA A 146 6.22 10.02 1.35
C ALA A 146 5.57 10.80 2.50
N GLY A 147 4.93 11.91 2.15
CA GLY A 147 4.25 12.74 3.14
C GLY A 147 2.99 13.33 2.53
N PRO A 148 2.33 14.25 3.26
CA PRO A 148 1.03 14.80 2.89
C PRO A 148 0.92 15.28 1.44
N HIS A 149 1.75 16.23 1.03
CA HIS A 149 1.62 16.80 -0.31
C HIS A 149 2.43 16.02 -1.35
N ASN A 150 2.71 14.75 -1.03
CA ASN A 150 3.47 13.85 -1.89
C ASN A 150 2.55 12.76 -2.43
N GLY A 151 1.40 12.59 -1.77
CA GLY A 151 0.44 11.57 -2.11
C GLY A 151 0.43 10.36 -1.19
N CYS A 152 0.94 10.51 0.02
CA CYS A 152 0.98 9.43 1.00
C CYS A 152 -0.42 8.93 1.38
N LEU A 153 -0.45 7.80 2.09
CA LEU A 153 -1.69 7.22 2.57
C LEU A 153 -2.38 8.14 3.55
N GLU A 154 -3.69 8.25 3.43
CA GLU A 154 -4.47 8.94 4.44
C GLU A 154 -5.52 7.99 4.96
N ALA A 155 -5.94 8.16 6.20
CA ALA A 155 -6.88 7.20 6.74
C ALA A 155 -7.79 7.86 7.77
N VAL A 156 -8.91 7.21 8.06
CA VAL A 156 -9.75 7.62 9.17
C VAL A 156 -9.59 6.61 10.28
N PRO A 157 -8.96 7.03 11.39
CA PRO A 157 -8.65 6.15 12.54
C PRO A 157 -9.90 5.51 13.10
N GLY A 158 -9.85 4.20 13.36
CA GLY A 158 -10.99 3.51 13.92
C GLY A 158 -12.02 3.04 12.90
N SER A 159 -11.85 3.40 11.63
CA SER A 159 -12.94 3.16 10.68
C SER A 159 -13.04 1.67 10.28
N HIS A 160 -11.93 0.94 10.33
CA HIS A 160 -11.98 -0.50 10.12
C HIS A 160 -12.94 -1.21 11.08
N LEU A 161 -13.33 -0.54 12.17
CA LEU A 161 -14.19 -1.18 13.15
C LEU A 161 -15.67 -0.97 12.85
N LEU A 162 -15.98 -0.02 11.96
CA LEU A 162 -17.38 0.29 11.60
C LEU A 162 -18.07 -0.87 10.87
N PRO A 163 -19.39 -0.97 10.99
CA PRO A 163 -20.19 -2.02 10.34
C PRO A 163 -19.96 -2.12 8.84
N ASP A 164 -20.37 -3.25 8.25
CA ASP A 164 -20.16 -3.47 6.82
C ASP A 164 -20.87 -2.44 5.97
N ASP A 165 -22.01 -1.96 6.44
CA ASP A 165 -22.82 -1.04 5.64
C ASP A 165 -22.44 0.42 5.83
N ALA A 166 -21.33 0.69 6.48
CA ALA A 166 -20.95 2.08 6.69
C ALA A 166 -20.64 2.70 5.34
N GLU A 167 -21.21 3.88 5.12
CA GLU A 167 -20.99 4.61 3.88
C GLU A 167 -19.71 5.40 3.96
N VAL A 168 -18.79 5.10 3.05
CA VAL A 168 -17.44 5.62 3.10
C VAL A 168 -17.41 7.15 3.11
N ALA A 169 -18.34 7.77 2.38
CA ALA A 169 -18.37 9.20 2.22
C ALA A 169 -18.77 9.93 3.49
N LYS A 170 -19.68 9.36 4.26
CA LYS A 170 -20.07 9.97 5.53
C LYS A 170 -18.92 9.83 6.52
N VAL A 171 -18.18 8.71 6.41
CA VAL A 171 -17.04 8.46 7.27
C VAL A 171 -15.91 9.45 6.97
N ARG A 172 -15.54 9.61 5.70
CA ARG A 172 -14.58 10.64 5.31
C ARG A 172 -15.01 12.05 5.75
N ALA A 173 -16.28 12.39 5.54
CA ALA A 173 -16.77 13.73 5.93
C ALA A 173 -16.78 13.90 7.44
N THR A 174 -16.89 12.79 8.18
CA THR A 174 -16.83 12.86 9.63
C THR A 174 -15.38 13.00 10.10
N GLY A 175 -14.53 12.05 9.72
CA GLY A 175 -13.14 12.08 10.13
C GLY A 175 -12.91 11.58 11.55
N PRO A 176 -11.72 11.85 12.09
CA PRO A 176 -10.70 12.67 11.44
C PRO A 176 -9.92 11.91 10.39
N VAL A 177 -9.15 12.66 9.60
CA VAL A 177 -8.36 12.13 8.53
C VAL A 177 -6.93 12.43 8.85
N VAL A 178 -6.11 11.38 8.93
CA VAL A 178 -4.73 11.52 9.34
C VAL A 178 -3.79 10.91 8.30
N PRO A 179 -2.82 11.70 7.83
CA PRO A 179 -1.86 11.19 6.84
C PRO A 179 -0.91 10.18 7.47
N VAL A 180 -0.16 9.45 6.64
CA VAL A 180 0.82 8.53 7.17
C VAL A 180 2.15 8.79 6.48
N PRO A 181 2.94 9.72 7.04
CA PRO A 181 4.32 9.96 6.59
C PRO A 181 5.18 8.70 6.76
N VAL A 182 6.04 8.45 5.78
CA VAL A 182 6.92 7.28 5.82
C VAL A 182 8.30 7.64 5.27
N SER A 183 9.33 6.95 5.75
CA SER A 183 10.63 6.98 5.08
C SER A 183 10.76 5.73 4.23
N GLN A 184 11.60 5.80 3.21
CA GLN A 184 11.93 4.63 2.41
C GLN A 184 12.37 3.48 3.32
N GLY A 185 11.73 2.33 3.17
CA GLY A 185 12.03 1.18 3.99
C GLY A 185 10.92 0.89 4.98
N ASP A 186 10.13 1.90 5.31
CA ASP A 186 9.02 1.72 6.23
C ASP A 186 8.00 0.72 5.68
N VAL A 187 7.40 -0.04 6.57
CA VAL A 187 6.30 -0.90 6.19
C VAL A 187 5.08 -0.47 6.98
N VAL A 188 4.07 0.00 6.26
CA VAL A 188 2.81 0.37 6.87
C VAL A 188 1.90 -0.83 6.80
N VAL A 189 1.20 -1.12 7.88
CA VAL A 189 0.24 -2.19 7.85
C VAL A 189 -1.14 -1.63 8.17
N HIS A 190 -2.12 -1.90 7.32
CA HIS A 190 -3.45 -1.39 7.60
C HIS A 190 -4.50 -2.45 7.35
N ASP A 191 -5.53 -2.38 8.17
CA ASP A 191 -6.63 -3.32 8.10
C ASP A 191 -7.39 -3.10 6.78
N VAL A 192 -7.84 -4.16 6.13
CA VAL A 192 -8.51 -3.99 4.85
C VAL A 192 -9.86 -3.29 5.00
N ARG A 193 -10.37 -3.23 6.23
CA ARG A 193 -11.66 -2.61 6.48
C ARG A 193 -11.51 -1.12 6.68
N LEU A 194 -10.28 -0.64 6.66
CA LEU A 194 -10.01 0.75 6.98
C LEU A 194 -10.45 1.69 5.85
N VAL A 195 -11.10 2.78 6.23
CA VAL A 195 -11.44 3.84 5.27
C VAL A 195 -10.17 4.65 5.02
N HIS A 196 -9.74 4.69 3.76
CA HIS A 196 -8.44 5.23 3.42
C HIS A 196 -8.40 5.63 1.96
N GLY A 197 -7.46 6.51 1.63
CA GLY A 197 -7.23 6.97 0.28
C GLY A 197 -5.84 7.58 0.22
N SER A 198 -5.57 8.37 -0.81
CA SER A 198 -4.32 9.13 -0.88
C SER A 198 -4.53 10.29 -1.82
N GLY A 199 -3.91 11.44 -1.54
CA GLY A 199 -4.13 12.59 -2.40
C GLY A 199 -3.34 12.52 -3.69
N PRO A 200 -3.42 13.57 -4.51
CA PRO A 200 -2.63 13.62 -5.74
C PRO A 200 -1.16 13.93 -5.46
N ASN A 201 -0.29 13.58 -6.41
CA ASN A 201 1.11 13.98 -6.36
C ASN A 201 1.40 15.07 -7.39
N ALA A 202 1.29 16.32 -6.97
CA ALA A 202 1.60 17.44 -7.85
C ALA A 202 3.09 17.74 -7.79
N ASN A 203 3.79 17.18 -6.81
CA ASN A 203 5.20 17.50 -6.70
C ASN A 203 6.08 16.54 -7.50
N GLY A 204 7.36 16.87 -7.62
CA GLY A 204 8.22 16.25 -8.60
C GLY A 204 8.80 14.88 -8.30
N SER A 205 8.43 14.31 -7.16
CA SER A 205 9.00 13.02 -6.77
C SER A 205 8.05 11.85 -7.04
N TRP A 206 8.62 10.65 -7.20
CA TRP A 206 7.83 9.43 -7.23
C TRP A 206 7.36 9.08 -5.84
N ARG A 207 6.19 8.46 -5.74
CA ARG A 207 5.90 7.66 -4.58
C ARG A 207 5.65 6.23 -5.08
N ARG A 208 6.53 5.30 -4.71
CA ARG A 208 6.41 3.93 -5.13
C ARG A 208 6.24 3.05 -3.91
N THR A 209 5.26 2.16 -3.97
CA THR A 209 4.90 1.32 -2.84
C THR A 209 4.60 -0.09 -3.34
N ILE A 210 5.09 -1.10 -2.63
CA ILE A 210 4.65 -2.48 -2.87
C ILE A 210 3.62 -2.85 -1.82
N VAL A 211 2.38 -3.07 -2.25
CA VAL A 211 1.31 -3.51 -1.36
C VAL A 211 1.05 -5.01 -1.50
N ILE A 212 1.16 -5.72 -0.38
CA ILE A 212 0.91 -7.15 -0.35
C ILE A 212 -0.21 -7.38 0.66
N GLU A 213 -1.21 -8.16 0.26
CA GLU A 213 -2.28 -8.44 1.19
C GLU A 213 -2.08 -9.78 1.86
N TYR A 214 -2.16 -9.81 3.19
CA TYR A 214 -2.03 -11.05 3.95
C TYR A 214 -3.31 -11.35 4.69
N ALA A 215 -3.69 -12.62 4.71
CA ALA A 215 -4.99 -13.00 5.23
C ALA A 215 -4.96 -14.22 6.12
N ASP A 216 -5.75 -14.18 7.19
CA ASP A 216 -6.16 -15.38 7.88
C ASP A 216 -6.63 -16.36 6.82
N PRO A 217 -6.01 -17.55 6.76
CA PRO A 217 -6.33 -18.56 5.73
C PRO A 217 -7.78 -19.03 5.79
N ALA A 218 -8.44 -18.90 6.94
CA ALA A 218 -9.86 -19.26 7.06
C ALA A 218 -10.79 -18.18 6.50
N ALA A 219 -10.23 -17.03 6.14
CA ALA A 219 -11.03 -15.91 5.63
C ALA A 219 -11.50 -16.16 4.22
N PRO A 220 -12.77 -15.83 3.94
CA PRO A 220 -13.31 -15.85 2.58
C PRO A 220 -12.53 -14.92 1.66
N PRO A 221 -12.46 -15.27 0.37
CA PRO A 221 -11.67 -14.49 -0.60
C PRO A 221 -12.30 -13.14 -0.94
N ALA A 222 -11.51 -12.29 -1.58
CA ALA A 222 -12.00 -11.01 -2.04
C ALA A 222 -13.16 -11.23 -3.01
N PRO A 223 -14.28 -10.53 -2.78
CA PRO A 223 -15.48 -10.68 -3.59
C PRO A 223 -15.35 -10.06 -4.98
#